data_5C13
#
_entry.id   5C13
#
_cell.length_a   30.212
_cell.length_b   50.105
_cell.length_c   85.949
_cell.angle_alpha   90.000
_cell.angle_beta   90.000
_cell.angle_gamma   90.000
#
_symmetry.space_group_name_H-M   'P 1 21 1'
#
loop_
_entity.id
_entity.type
_entity.pdbx_description
1 polymer 'Transcription initiation factor TFIID subunit 3'
2 polymer 'H3 peptide'
3 non-polymer 'ZINC ION'
4 water water
#
loop_
_entity_poly.entity_id
_entity_poly.type
_entity_poly.pdbx_seq_one_letter_code
_entity_poly.pdbx_strand_id
1 'polypeptide(L)' GSMYVIRDEWGNQIWICPGCNKPDDGSPMIGCDDCDDWYHWPCVGIMTAPPEEMQWFCPKCANK A,C,E,G
2 'polypeptide(L)' ART(4WQ)QTARKS P,D,F,H
#
loop_
_chem_comp.id
_chem_comp.type
_chem_comp.name
_chem_comp.formula
ZN non-polymer 'ZINC ION' 'Zn 2'
#
# COMPACT_ATOMS: atom_id res chain seq x y z
N MET A 3 -10.88 -2.81 18.10
CA MET A 3 -9.89 -3.52 18.92
C MET A 3 -10.22 -3.76 20.44
N TYR A 4 -10.03 -4.98 20.88
CA TYR A 4 -10.05 -5.23 22.32
C TYR A 4 -8.79 -4.65 22.95
N VAL A 5 -8.91 -4.04 24.14
CA VAL A 5 -7.76 -3.61 24.96
C VAL A 5 -7.67 -4.33 26.31
N ILE A 6 -6.57 -5.03 26.54
CA ILE A 6 -6.37 -5.67 27.83
C ILE A 6 -5.67 -4.74 28.79
N ARG A 7 -6.21 -4.65 29.99
CA ARG A 7 -5.53 -3.98 31.08
C ARG A 7 -4.93 -5.05 32.00
N ASP A 8 -3.61 -5.24 31.92
CA ASP A 8 -2.93 -6.35 32.61
C ASP A 8 -2.64 -6.06 34.08
N GLU A 9 -1.87 -6.95 34.71
CA GLU A 9 -1.42 -6.80 36.12
C GLU A 9 -0.91 -5.43 36.51
N TRP A 10 -0.12 -4.85 35.61
CA TRP A 10 0.62 -3.63 35.88
C TRP A 10 -0.19 -2.38 35.62
N GLY A 11 -1.44 -2.57 35.20
CA GLY A 11 -2.27 -1.44 34.79
C GLY A 11 -1.88 -0.94 33.41
N ASN A 12 -1.05 -1.69 32.69
CA ASN A 12 -0.79 -1.38 31.28
C ASN A 12 -1.85 -1.88 30.31
N GLN A 13 -1.98 -1.17 29.20
CA GLN A 13 -2.94 -1.48 28.16
C GLN A 13 -2.31 -2.15 26.96
N ILE A 14 -2.81 -3.34 26.65
CA ILE A 14 -2.40 -4.10 25.48
C ILE A 14 -3.49 -4.09 24.43
N TRP A 15 -3.19 -3.61 23.21
CA TRP A 15 -4.15 -3.62 22.13
C TRP A 15 -4.05 -4.89 21.33
N ILE A 16 -5.21 -5.51 21.09
CA ILE A 16 -5.28 -6.85 20.51
C ILE A 16 -5.62 -6.81 19.02
N CYS A 17 -4.81 -7.50 18.21
CA CYS A 17 -5.17 -7.82 16.83
C CYS A 17 -6.58 -8.39 16.71
N PRO A 18 -7.47 -7.73 15.95
CA PRO A 18 -8.82 -8.31 15.79
C PRO A 18 -8.83 -9.60 14.91
N GLY A 19 -7.72 -9.89 14.24
CA GLY A 19 -7.68 -11.06 13.40
C GLY A 19 -7.60 -12.34 14.18
N CYS A 20 -6.73 -12.35 15.15
CA CYS A 20 -6.56 -13.53 15.97
C CYS A 20 -7.13 -13.34 17.39
N ASN A 21 -7.19 -12.09 17.83
CA ASN A 21 -7.60 -11.75 19.21
C ASN A 21 -6.77 -12.51 20.22
N LYS A 22 -5.49 -12.70 19.90
CA LYS A 22 -4.53 -13.23 20.83
C LYS A 22 -3.62 -12.07 21.24
N PRO A 23 -3.46 -11.87 22.55
CA PRO A 23 -2.52 -10.85 22.99
C PRO A 23 -1.05 -11.18 22.78
N ASP A 24 -0.69 -12.45 22.73
CA ASP A 24 0.73 -12.75 22.70
C ASP A 24 1.29 -12.68 21.29
N ASP A 25 1.86 -11.53 20.98
CA ASP A 25 2.39 -11.26 19.66
C ASP A 25 3.81 -11.71 19.54
N GLY A 26 4.72 -10.77 19.73
CA GLY A 26 5.99 -10.77 19.10
C GLY A 26 5.69 -10.15 17.76
N SER A 27 5.03 -10.92 16.91
CA SER A 27 4.76 -10.59 15.52
C SER A 27 4.44 -9.10 15.23
N PRO A 28 5.07 -8.54 14.19
CA PRO A 28 4.85 -7.13 13.85
C PRO A 28 3.42 -6.86 13.49
N MET A 29 3.01 -5.60 13.65
CA MET A 29 1.66 -5.16 13.29
C MET A 29 1.60 -4.04 12.27
N ILE A 30 0.43 -3.90 11.64
CA ILE A 30 0.22 -2.88 10.62
C ILE A 30 -1.08 -2.18 10.94
N GLY A 31 -1.14 -0.87 10.77
CA GLY A 31 -2.31 -0.11 11.14
C GLY A 31 -3.16 0.28 9.94
N CYS A 32 -4.47 0.13 10.08
CA CYS A 32 -5.43 0.57 9.06
C CYS A 32 -5.47 2.10 8.93
N ASP A 33 -5.36 2.60 7.71
CA ASP A 33 -5.33 4.05 7.49
C ASP A 33 -6.72 4.66 7.38
N ASP A 34 -7.73 3.82 7.55
CA ASP A 34 -9.12 4.29 7.69
C ASP A 34 -9.59 4.26 9.16
N CYS A 35 -9.69 3.07 9.75
CA CYS A 35 -10.25 2.92 11.10
C CYS A 35 -9.18 2.84 12.19
N ASP A 36 -7.95 2.65 11.79
CA ASP A 36 -6.82 2.62 12.70
C ASP A 36 -6.82 1.46 13.68
N ASP A 37 -7.57 0.40 13.36
CA ASP A 37 -7.34 -0.91 13.96
C ASP A 37 -6.01 -1.45 13.47
N TRP A 38 -5.25 -2.09 14.35
CA TRP A 38 -3.97 -2.70 14.03
C TRP A 38 -4.04 -4.22 14.03
N TYR A 39 -3.33 -4.86 13.09
CA TYR A 39 -3.34 -6.32 12.94
C TYR A 39 -1.94 -6.81 12.87
N HIS A 40 -1.70 -8.03 13.28
CA HIS A 40 -0.46 -8.72 12.91
C HIS A 40 -0.39 -8.94 11.41
N TRP A 41 0.82 -8.73 10.87
CA TRP A 41 1.14 -9.01 9.50
C TRP A 41 0.58 -10.33 9.00
N PRO A 42 0.86 -11.45 9.70
CA PRO A 42 0.39 -12.72 9.15
C PRO A 42 -1.13 -12.87 9.24
N CYS A 43 -1.75 -12.16 10.17
CA CYS A 43 -3.19 -12.23 10.28
C CYS A 43 -3.86 -11.54 9.12
N VAL A 44 -3.12 -10.72 8.37
CA VAL A 44 -3.73 -10.09 7.21
C VAL A 44 -2.99 -10.42 5.91
N GLY A 45 -2.11 -11.42 5.92
CA GLY A 45 -1.46 -11.86 4.69
C GLY A 45 -0.27 -11.01 4.26
N ILE A 46 0.27 -10.23 5.19
CA ILE A 46 1.45 -9.40 4.90
C ILE A 46 2.67 -10.13 5.36
N MET A 47 3.61 -10.24 4.42
CA MET A 47 4.86 -10.98 4.58
C MET A 47 6.07 -10.05 4.66
N THR A 48 6.03 -8.93 3.95
CA THR A 48 7.14 -7.95 3.98
C THR A 48 6.69 -6.52 4.31
N ALA A 49 7.59 -5.76 4.94
CA ALA A 49 7.30 -4.38 5.26
C ALA A 49 6.83 -3.69 4.00
N PRO A 50 5.70 -2.99 4.06
CA PRO A 50 5.27 -2.33 2.82
C PRO A 50 6.07 -1.05 2.63
N PRO A 51 6.20 -0.57 1.39
CA PRO A 51 6.76 0.78 1.19
C PRO A 51 5.98 1.84 1.98
N GLU A 52 6.70 2.87 2.45
CA GLU A 52 6.13 3.82 3.38
C GLU A 52 5.10 4.73 2.71
N GLU A 53 5.26 4.99 1.41
CA GLU A 53 4.29 5.77 0.63
C GLU A 53 2.96 5.04 0.54
N MET A 54 2.99 3.75 0.81
CA MET A 54 1.79 2.96 0.65
C MET A 54 0.89 3.11 1.86
N GLN A 55 -0.39 2.91 1.65
CA GLN A 55 -1.38 2.95 2.71
C GLN A 55 -2.03 1.59 2.75
N TRP A 56 -2.22 1.03 3.94
CA TRP A 56 -2.90 -0.26 4.08
C TRP A 56 -4.28 -0.10 4.73
N PHE A 57 -5.21 -1.04 4.46
CA PHE A 57 -6.63 -0.82 4.84
C PHE A 57 -7.46 -1.87 5.61
N CYS A 58 -7.04 -3.11 5.79
CA CYS A 58 -7.81 -4.03 6.65
C CYS A 58 -9.12 -4.46 5.97
N PRO A 59 -9.51 -5.73 6.15
CA PRO A 59 -10.68 -6.29 5.46
C PRO A 59 -11.92 -5.42 5.51
N LYS A 60 -12.26 -4.91 6.68
CA LYS A 60 -13.47 -4.10 6.84
C LYS A 60 -13.45 -2.81 5.99
N CYS A 61 -12.32 -2.11 5.87
CA CYS A 61 -12.36 -0.78 5.24
C CYS A 61 -12.03 -0.75 3.72
N ALA B 1 3.16 1.76 4.67
CA ALA B 1 2.16 2.23 5.67
C ALA B 1 2.79 2.36 7.06
N ARG B 2 1.94 2.47 8.06
CA ARG B 2 2.39 2.48 9.45
C ARG B 2 2.45 1.07 10.00
N THR B 3 3.62 0.66 10.49
CA THR B 3 3.83 -0.65 11.10
C THR B 3 4.53 -0.54 12.46
N 4WQ B 4 4.47 -1.62 13.24
CA 4WQ B 4 5.20 -1.65 14.47
CB 4WQ B 4 4.41 -0.90 15.53
CG 4WQ B 4 3.08 -1.57 15.94
CD 4WQ B 4 2.39 -0.79 17.11
CE 4WQ B 4 1.05 -1.39 17.50
CZ 4WQ B 4 0.21 -0.70 18.62
CM3 4WQ B 4 0.92 -0.73 19.91
CM2 4WQ B 4 -0.17 0.74 18.28
CM1 4WQ B 4 -1.07 -1.48 18.82
C 4WQ B 4 5.60 -3.06 14.93
O 4WQ B 4 5.17 -4.07 14.41
H 4WQ B 4 3.93 -2.45 13.03
HA 4WQ B 4 6.15 -1.07 14.29
H5 4WQ B 4 5.05 -0.76 16.43
H6 4WQ B 4 4.21 0.14 15.21
H7 4WQ B 4 2.41 -1.65 15.07
H8 4WQ B 4 3.28 -2.61 16.26
H9 4WQ B 4 2.26 0.27 16.80
H10 4WQ B 4 3.05 -0.71 17.99
H11 4WQ B 4 0.42 -1.48 16.58
H12 4WQ B 4 1.20 -2.44 17.82
H13 4WQ B 4 0.28 -0.43 20.75
H14 4WQ B 4 1.29 -1.73 20.16
H15 4WQ B 4 1.78 -0.06 19.92
H16 4WQ B 4 -0.92 1.15 18.95
H17 4WQ B 4 0.70 1.41 18.33
H18 4WQ B 4 -0.57 0.84 17.27
H19 4WQ B 4 -1.71 -1.05 19.60
H20 4WQ B 4 -0.88 -2.52 19.16
H21 4WQ B 4 -1.67 -1.57 17.92
N GLN B 5 6.60 -3.04 15.82
CA GLN B 5 7.15 -4.25 16.47
C GLN B 5 7.64 -3.86 17.87
N THR B 6 7.79 -4.84 18.76
CA THR B 6 8.45 -4.57 20.03
C THR B 6 9.98 -4.45 19.81
N MET C 3 2.22 11.84 -17.61
CA MET C 3 2.86 10.85 -18.48
C MET C 3 2.99 11.25 -19.95
N TYR C 4 4.13 10.95 -20.53
CA TYR C 4 4.29 11.02 -21.96
C TYR C 4 3.61 9.83 -22.62
N VAL C 5 2.98 10.07 -23.78
CA VAL C 5 2.47 9.00 -24.65
C VAL C 5 3.15 9.02 -26.02
N ILE C 6 3.78 7.92 -26.39
CA ILE C 6 4.34 7.80 -27.73
C ILE C 6 3.30 7.24 -28.70
N ARG C 7 3.23 7.81 -29.91
CA ARG C 7 2.44 7.27 -31.00
C ARG C 7 3.44 6.68 -31.96
N ASP C 8 3.51 5.35 -31.97
CA ASP C 8 4.50 4.63 -32.74
C ASP C 8 4.15 4.52 -34.22
N GLU C 9 4.99 3.77 -34.90
CA GLU C 9 4.92 3.45 -36.32
C GLU C 9 3.55 2.88 -36.75
N TRP C 10 2.94 2.06 -35.88
CA TRP C 10 1.67 1.38 -36.17
C TRP C 10 0.45 2.19 -35.81
N GLY C 11 0.65 3.42 -35.35
CA GLY C 11 -0.43 4.26 -34.85
C GLY C 11 -0.90 3.88 -33.45
N ASN C 12 -0.28 2.88 -32.82
CA ASN C 12 -0.53 2.59 -31.39
C ASN C 12 0.13 3.57 -30.41
N GLN C 13 -0.49 3.73 -29.24
CA GLN C 13 -0.03 4.60 -28.14
C GLN C 13 0.65 3.85 -27.00
N ILE C 14 1.81 4.33 -26.59
CA ILE C 14 2.57 3.72 -25.50
C ILE C 14 2.78 4.75 -24.41
N TRP C 15 2.38 4.40 -23.18
CA TRP C 15 2.51 5.27 -22.03
C TRP C 15 3.83 5.06 -21.30
N ILE C 16 4.50 6.16 -21.03
CA ILE C 16 5.87 6.13 -20.59
C ILE C 16 5.98 6.43 -19.10
N CYS C 17 6.61 5.51 -18.36
CA CYS C 17 7.07 5.77 -17.00
C CYS C 17 7.73 7.16 -16.82
N PRO C 18 7.11 8.04 -16.04
CA PRO C 18 7.74 9.35 -15.76
C PRO C 18 9.06 9.31 -14.94
N GLY C 19 9.45 8.17 -14.41
CA GLY C 19 10.66 8.09 -13.63
C GLY C 19 11.92 7.94 -14.48
N CYS C 20 11.81 7.08 -15.48
CA CYS C 20 12.91 6.88 -16.40
C CYS C 20 12.66 7.56 -17.76
N ASN C 21 11.38 7.75 -18.09
CA ASN C 21 10.94 8.26 -19.41
C ASN C 21 11.55 7.45 -20.56
N LYS C 22 11.69 6.17 -20.31
CA LYS C 22 12.07 5.18 -21.32
C LYS C 22 10.86 4.35 -21.71
N PRO C 23 10.57 4.25 -23.02
CA PRO C 23 9.51 3.32 -23.38
C PRO C 23 9.92 1.88 -23.20
N ASP C 24 11.07 1.45 -23.67
CA ASP C 24 11.29 0.01 -23.72
C ASP C 24 11.36 -0.60 -22.32
N ASP C 25 10.20 -1.05 -21.83
CA ASP C 25 10.08 -1.60 -20.49
C ASP C 25 10.41 -3.08 -20.41
N GLY C 26 9.40 -3.88 -20.76
CA GLY C 26 9.22 -5.19 -20.17
C GLY C 26 8.54 -4.94 -18.84
N SER C 27 9.35 -4.47 -17.89
CA SER C 27 9.03 -4.32 -16.47
C SER C 27 7.53 -4.18 -16.08
N PRO C 28 7.16 -4.77 -14.94
CA PRO C 28 5.83 -4.43 -14.41
C PRO C 28 5.74 -2.96 -14.01
N MET C 29 4.51 -2.43 -14.08
CA MET C 29 4.21 -1.07 -13.69
C MET C 29 3.20 -1.01 -12.56
N ILE C 30 3.14 0.14 -11.90
CA ILE C 30 2.21 0.37 -10.79
C ILE C 30 1.57 1.72 -10.97
N GLY C 31 0.30 1.82 -10.66
CA GLY C 31 -0.44 3.05 -10.88
C GLY C 31 -0.69 3.86 -9.63
N CYS C 32 -0.44 5.17 -9.71
CA CYS C 32 -0.69 6.07 -8.59
C CYS C 32 -2.20 6.15 -8.36
N ASP C 33 -2.64 5.87 -7.14
CA ASP C 33 -4.07 5.92 -6.83
C ASP C 33 -4.60 7.31 -6.60
N ASP C 34 -3.74 8.31 -6.79
CA ASP C 34 -4.18 9.70 -6.88
C ASP C 34 -4.23 10.19 -8.33
N CYS C 35 -3.07 10.38 -8.94
CA CYS C 35 -2.98 11.01 -10.27
C CYS C 35 -3.13 10.03 -11.44
N ASP C 36 -2.97 8.74 -11.18
CA ASP C 36 -3.06 7.70 -12.19
C ASP C 36 -1.90 7.71 -13.19
N ASP C 37 -0.83 8.44 -12.90
CA ASP C 37 0.46 8.16 -13.54
C ASP C 37 0.93 6.72 -13.16
N TRP C 38 1.52 6.00 -14.12
CA TRP C 38 2.10 4.66 -13.91
C TRP C 38 3.61 4.65 -14.05
N TYR C 39 4.26 3.91 -13.17
CA TYR C 39 5.71 3.87 -13.05
C TYR C 39 6.18 2.46 -13.10
N HIS C 40 7.38 2.24 -13.59
CA HIS C 40 7.99 0.92 -13.37
C HIS C 40 8.23 0.70 -11.90
N TRP C 41 8.01 -0.51 -11.46
CA TRP C 41 8.32 -0.88 -10.10
C TRP C 41 9.71 -0.43 -9.64
N PRO C 42 10.79 -0.80 -10.36
CA PRO C 42 12.12 -0.41 -9.89
C PRO C 42 12.36 1.11 -9.91
N CYS C 43 11.73 1.80 -10.86
CA CYS C 43 11.79 3.25 -10.86
C CYS C 43 11.19 3.89 -9.61
N VAL C 44 10.36 3.17 -8.84
CA VAL C 44 9.79 3.75 -7.62
C VAL C 44 10.15 2.90 -6.40
N GLY C 45 11.22 2.15 -6.49
CA GLY C 45 11.65 1.31 -5.38
C GLY C 45 10.77 0.15 -4.97
N ILE C 46 9.90 -0.34 -5.85
CA ILE C 46 8.99 -1.43 -5.49
C ILE C 46 9.60 -2.73 -5.98
N MET C 47 9.69 -3.67 -5.06
CA MET C 47 10.49 -4.86 -5.23
C MET C 47 9.60 -6.08 -5.25
N THR C 48 8.47 -5.99 -4.56
CA THR C 48 7.53 -7.13 -4.48
C THR C 48 6.10 -6.71 -4.84
N ALA C 49 5.29 -7.67 -5.31
CA ALA C 49 3.90 -7.35 -5.61
C ALA C 49 3.24 -6.80 -4.36
N PRO C 50 2.60 -5.63 -4.47
CA PRO C 50 1.96 -5.11 -3.27
C PRO C 50 0.61 -5.78 -3.00
N PRO C 51 0.22 -5.94 -1.73
CA PRO C 51 -1.11 -6.49 -1.47
C PRO C 51 -2.22 -5.66 -2.13
N GLU C 52 -3.28 -6.31 -2.59
CA GLU C 52 -4.25 -5.65 -3.45
C GLU C 52 -5.03 -4.59 -2.70
N GLU C 53 -5.21 -4.78 -1.40
CA GLU C 53 -5.92 -3.85 -0.51
C GLU C 53 -5.15 -2.53 -0.34
N MET C 54 -3.87 -2.54 -0.67
CA MET C 54 -3.04 -1.36 -0.42
C MET C 54 -3.17 -0.33 -1.54
N GLN C 55 -2.93 0.92 -1.21
CA GLN C 55 -2.90 1.97 -2.21
C GLN C 55 -1.52 2.59 -2.33
N TRP C 56 -1.01 2.69 -3.54
CA TRP C 56 0.29 3.30 -3.79
C TRP C 56 0.14 4.70 -4.38
N PHE C 57 1.08 5.59 -4.04
CA PHE C 57 0.85 7.01 -4.28
C PHE C 57 1.89 7.86 -5.01
N CYS C 58 3.03 7.33 -5.45
CA CYS C 58 3.89 8.09 -6.38
C CYS C 58 4.54 9.34 -5.72
N PRO C 59 5.83 9.61 -6.02
CA PRO C 59 6.54 10.74 -5.38
C PRO C 59 5.76 12.04 -5.31
N LYS C 60 5.17 12.46 -6.43
CA LYS C 60 4.42 13.73 -6.48
C LYS C 60 3.20 13.79 -5.55
N CYS C 61 2.53 12.69 -5.21
CA CYS C 61 1.24 12.79 -4.50
C CYS C 61 1.29 12.36 -3.00
N ALA D 1 -2.24 -2.75 -4.82
CA ALA D 1 -2.87 -1.67 -5.61
C ALA D 1 -3.17 -2.14 -7.04
N ARG D 2 -3.04 -1.23 -8.00
CA ARG D 2 -3.17 -1.57 -9.41
C ARG D 2 -1.80 -1.70 -10.04
N THR D 3 -1.51 -2.88 -10.59
CA THR D 3 -0.24 -3.15 -11.27
C THR D 3 -0.48 -3.72 -12.66
N 4WQ D 4 0.55 -3.69 -13.49
CA 4WQ D 4 0.41 -4.28 -14.80
CB 4WQ D 4 -0.29 -3.29 -15.69
CG 4WQ D 4 0.50 -2.07 -16.12
CD 4WQ D 4 -0.42 -1.14 -17.07
CE 4WQ D 4 0.34 0.09 -17.60
CZ 4WQ D 4 -0.39 1.03 -18.56
CM3 4WQ D 4 -1.73 1.43 -18.01
CM2 4WQ D 4 0.41 2.26 -18.88
CM1 4WQ D 4 -0.60 0.38 -19.88
C 4WQ D 4 1.71 -4.70 -15.39
O 4WQ D 4 2.79 -4.29 -15.02
H 4WQ D 4 1.45 -3.28 -13.29
HA 4WQ D 4 -0.24 -5.18 -14.71
H5 4WQ D 4 -1.22 -2.97 -15.20
H6 4WQ D 4 -0.65 -3.82 -16.60
H7 4WQ D 4 0.86 -1.50 -15.24
H8 4WQ D 4 1.41 -2.37 -16.67
H9 4WQ D 4 -1.31 -0.81 -16.49
H10 4WQ D 4 -0.85 -1.72 -17.90
H11 4WQ D 4 1.30 -0.25 -18.06
H12 4WQ D 4 0.66 0.70 -16.73
H13 4WQ D 4 -2.34 0.58 -17.68
H14 4WQ D 4 -2.36 1.97 -18.74
H15 4WQ D 4 -1.64 2.11 -17.14
H16 4WQ D 4 -0.01 2.83 -19.72
H17 4WQ D 4 1.45 2.02 -19.13
H18 4WQ D 4 0.45 2.96 -18.04
H19 4WQ D 4 0.34 0.05 -20.35
H20 4WQ D 4 -1.07 1.05 -20.61
H21 4WQ D 4 -1.25 -0.50 -19.83
N GLN D 5 1.57 -5.63 -16.35
CA GLN D 5 2.66 -5.96 -17.30
C GLN D 5 2.11 -6.63 -18.56
N THR D 6 2.94 -6.82 -19.56
CA THR D 6 2.47 -7.46 -20.77
C THR D 6 2.46 -8.99 -20.61
N MET E 3 -12.72 -22.51 25.79
CA MET E 3 -13.38 -21.49 24.96
C MET E 3 -13.64 -21.90 23.49
N TYR E 4 -14.85 -21.63 23.04
CA TYR E 4 -15.19 -21.72 21.63
C TYR E 4 -14.58 -20.54 20.93
N VAL E 5 -14.07 -20.75 19.71
CA VAL E 5 -13.63 -19.67 18.84
C VAL E 5 -14.47 -19.61 17.56
N ILE E 6 -15.07 -18.47 17.28
CA ILE E 6 -15.80 -18.28 16.04
C ILE E 6 -14.90 -17.67 14.98
N ARG E 7 -15.03 -18.20 13.77
CA ARG E 7 -14.40 -17.63 12.60
C ARG E 7 -15.48 -16.96 11.79
N ASP E 8 -15.43 -15.63 11.72
CA ASP E 8 -16.51 -14.89 11.08
C ASP E 8 -16.28 -14.70 9.59
N GLU E 9 -17.14 -13.91 8.98
CA GLU E 9 -17.15 -13.71 7.53
C GLU E 9 -15.88 -13.04 7.00
N TRP E 10 -15.17 -12.32 7.86
CA TRP E 10 -13.96 -11.61 7.48
C TRP E 10 -12.71 -12.43 7.69
N GLY E 11 -12.88 -13.66 8.17
CA GLY E 11 -11.75 -14.50 8.51
C GLY E 11 -11.14 -14.14 9.87
N ASN E 12 -11.83 -13.33 10.66
CA ASN E 12 -11.39 -13.03 12.02
C ASN E 12 -11.93 -14.00 13.07
N GLN E 13 -11.14 -14.15 14.13
CA GLN E 13 -11.45 -15.09 15.21
C GLN E 13 -12.01 -14.42 16.43
N ILE E 14 -13.17 -14.86 16.85
CA ILE E 14 -13.83 -14.31 18.02
C ILE E 14 -13.80 -15.35 19.16
N TRP E 15 -13.28 -14.98 20.34
CA TRP E 15 -13.23 -15.90 21.46
C TRP E 15 -14.42 -15.71 22.32
N ILE E 16 -15.14 -16.81 22.56
CA ILE E 16 -16.43 -16.73 23.23
C ILE E 16 -16.42 -17.06 24.72
N CYS E 17 -17.09 -16.22 25.50
CA CYS E 17 -17.39 -16.51 26.91
C CYS E 17 -18.00 -17.92 27.16
N PRO E 18 -17.34 -18.72 28.00
CA PRO E 18 -17.92 -20.02 28.31
C PRO E 18 -19.16 -19.95 29.21
N GLY E 19 -19.38 -18.81 29.85
CA GLY E 19 -20.54 -18.63 30.68
C GLY E 19 -21.84 -18.53 29.93
N CYS E 20 -21.86 -17.72 28.89
CA CYS E 20 -23.07 -17.58 28.11
C CYS E 20 -22.92 -18.24 26.73
N ASN E 21 -21.68 -18.37 26.26
CA ASN E 21 -21.40 -18.93 24.92
C ASN E 21 -22.12 -18.15 23.82
N LYS E 22 -22.18 -16.84 23.97
CA LYS E 22 -22.73 -15.97 22.96
C LYS E 22 -21.70 -14.91 22.49
N PRO E 23 -21.57 -14.74 21.17
CA PRO E 23 -20.60 -13.80 20.60
C PRO E 23 -20.97 -12.34 20.72
N ASP E 24 -22.26 -12.01 20.71
CA ASP E 24 -22.64 -10.59 20.73
C ASP E 24 -22.24 -9.95 22.08
N ASP E 25 -20.93 -9.79 22.29
CA ASP E 25 -20.41 -9.31 23.58
C ASP E 25 -20.47 -7.81 23.72
N GLY E 26 -19.41 -7.16 23.26
CA GLY E 26 -19.04 -5.84 23.73
C GLY E 26 -18.57 -5.95 25.17
N SER E 27 -19.50 -6.44 26.00
CA SER E 27 -19.32 -6.63 27.43
C SER E 27 -17.86 -6.85 27.83
N PRO E 28 -17.39 -6.10 28.83
CA PRO E 28 -16.05 -6.40 29.33
C PRO E 28 -15.88 -7.85 29.81
N MET E 29 -14.66 -8.33 29.64
CA MET E 29 -14.30 -9.68 30.03
C MET E 29 -13.18 -9.68 31.06
N ILE E 30 -13.04 -10.81 31.76
CA ILE E 30 -12.05 -10.98 32.80
C ILE E 30 -11.36 -12.32 32.56
N GLY E 31 -10.05 -12.34 32.67
CA GLY E 31 -9.31 -13.55 32.39
C GLY E 31 -9.05 -14.36 33.63
N CYS E 32 -9.20 -15.68 33.55
CA CYS E 32 -8.86 -16.56 34.66
C CYS E 32 -7.37 -16.67 34.80
N ASP E 33 -6.87 -16.46 36.01
CA ASP E 33 -5.45 -16.48 36.23
C ASP E 33 -4.89 -17.87 36.40
N ASP E 34 -5.72 -18.91 36.25
CA ASP E 34 -5.23 -20.28 36.15
C ASP E 34 -5.28 -20.80 34.69
N CYS E 35 -6.49 -20.96 34.18
CA CYS E 35 -6.69 -21.57 32.85
C CYS E 35 -6.71 -20.58 31.68
N ASP E 36 -6.77 -19.29 31.99
CA ASP E 36 -6.87 -18.25 30.97
C ASP E 36 -8.07 -18.29 30.01
N ASP E 37 -9.13 -19.00 30.35
CA ASP E 37 -10.41 -18.72 29.73
C ASP E 37 -10.81 -17.28 30.10
N TRP E 38 -11.61 -16.62 29.27
CA TRP E 38 -12.09 -15.25 29.54
C TRP E 38 -13.60 -15.27 29.60
N TYR E 39 -14.17 -14.58 30.58
CA TYR E 39 -15.64 -14.52 30.76
C TYR E 39 -16.13 -13.11 30.76
N HIS E 40 -17.36 -12.88 30.33
CA HIS E 40 -17.96 -11.57 30.60
C HIS E 40 -18.15 -11.38 32.09
N TRP E 41 -17.90 -10.16 32.55
CA TRP E 41 -18.10 -9.81 33.95
C TRP E 41 -19.46 -10.21 34.46
N PRO E 42 -20.55 -9.78 33.78
CA PRO E 42 -21.88 -10.17 34.30
C PRO E 42 -22.07 -11.68 34.37
N CYS E 43 -21.47 -12.42 33.46
CA CYS E 43 -21.56 -13.89 33.48
C CYS E 43 -20.88 -14.56 34.66
N VAL E 44 -20.07 -13.83 35.42
CA VAL E 44 -19.47 -14.43 36.60
C VAL E 44 -19.71 -13.55 37.82
N GLY E 45 -20.69 -12.65 37.74
CA GLY E 45 -21.08 -11.84 38.90
C GLY E 45 -20.20 -10.67 39.27
N ILE E 46 -19.37 -10.22 38.34
CA ILE E 46 -18.52 -9.06 38.59
C ILE E 46 -19.19 -7.83 38.03
N MET E 47 -19.24 -6.79 38.85
CA MET E 47 -19.98 -5.58 38.57
C MET E 47 -19.03 -4.40 38.29
N THR E 48 -17.94 -4.31 39.04
CA THR E 48 -16.95 -3.25 38.83
C THR E 48 -15.59 -3.83 38.47
N ALA E 49 -14.77 -3.03 37.80
CA ALA E 49 -13.38 -3.41 37.57
C ALA E 49 -12.79 -3.84 38.91
N PRO E 50 -12.18 -5.04 38.96
CA PRO E 50 -11.57 -5.40 40.23
C PRO E 50 -10.16 -4.81 40.34
N PRO E 51 -9.68 -4.58 41.57
CA PRO E 51 -8.30 -4.12 41.79
C PRO E 51 -7.24 -4.93 41.00
N GLU E 52 -6.21 -4.24 40.53
CA GLU E 52 -5.20 -4.82 39.65
C GLU E 52 -4.33 -5.87 40.32
N GLU E 53 -4.14 -5.69 41.62
CA GLU E 53 -3.33 -6.58 42.44
C GLU E 53 -3.98 -7.93 42.57
N MET E 54 -5.29 -8.00 42.32
CA MET E 54 -6.04 -9.19 42.66
C MET E 54 -6.05 -10.21 41.55
N GLN E 55 -6.19 -11.47 41.93
CA GLN E 55 -6.29 -12.57 40.97
C GLN E 55 -7.67 -13.20 40.94
N TRP E 56 -8.28 -13.26 39.76
CA TRP E 56 -9.60 -13.87 39.60
C TRP E 56 -9.47 -15.23 38.97
N PHE E 57 -10.40 -16.13 39.27
CA PHE E 57 -10.17 -17.54 38.98
C PHE E 57 -11.22 -18.40 38.29
N CYS E 58 -12.41 -17.91 38.00
CA CYS E 58 -13.33 -18.67 37.14
C CYS E 58 -13.85 -19.92 37.84
N PRO E 59 -15.13 -20.22 37.64
CA PRO E 59 -15.78 -21.33 38.34
C PRO E 59 -14.99 -22.62 38.36
N LYS E 60 -14.45 -23.08 37.23
CA LYS E 60 -13.78 -24.39 37.20
C LYS E 60 -12.55 -24.43 38.08
N CYS E 61 -11.77 -23.34 38.13
CA CYS E 61 -10.48 -23.36 38.80
C CYS E 61 -10.56 -22.81 40.25
N ALA F 1 -7.38 -7.96 38.35
CA ALA F 1 -6.75 -8.98 37.47
C ALA F 1 -6.59 -8.44 36.04
N ARG F 2 -6.64 -9.35 35.08
CA ARG F 2 -6.66 -8.95 33.68
C ARG F 2 -8.09 -8.84 33.23
N THR F 3 -8.45 -7.64 32.76
CA THR F 3 -9.73 -7.42 32.12
C THR F 3 -9.51 -6.86 30.73
N 4WQ F 4 -10.58 -6.81 29.95
CA 4WQ F 4 -10.50 -6.29 28.59
CB 4WQ F 4 -9.80 -7.33 27.70
CG 4WQ F 4 -10.72 -8.40 27.08
CD 4WQ F 4 -9.94 -9.31 26.15
CE 4WQ F 4 -10.72 -10.57 25.79
CZ 4WQ F 4 -10.11 -11.46 24.77
CM3 4WQ F 4 -10.10 -10.79 23.47
CM2 4WQ F 4 -8.71 -11.89 25.16
CM1 4WQ F 4 -10.95 -12.65 24.57
C 4WQ F 4 -11.90 -5.90 28.06
O 4WQ F 4 -12.93 -6.24 28.62
H 4WQ F 4 -11.50 -7.13 30.24
HA 4WQ F 4 -9.86 -5.37 28.61
H5 4WQ F 4 -9.00 -7.84 28.27
H6 4WQ F 4 -9.26 -6.81 26.89
H7 4WQ F 4 -11.57 -7.93 26.55
H8 4WQ F 4 -11.20 -9.01 27.88
H9 4WQ F 4 -8.98 -9.59 26.64
H10 4WQ F 4 -9.62 -8.78 25.22
H11 4WQ F 4 -10.92 -11.15 26.72
H12 4WQ F 4 -11.73 -10.28 25.43
H13 4WQ F 4 -9.38 -9.96 23.43
H14 4WQ F 4 -11.07 -10.36 23.21
H15 4WQ F 4 -9.83 -11.48 22.66
H16 4WQ F 4 -8.33 -12.70 24.53
H17 4WQ F 4 -7.98 -11.07 25.10
H18 4WQ F 4 -8.65 -12.26 26.19
H19 4WQ F 4 -11.96 -12.40 24.23
H20 4WQ F 4 -11.08 -13.22 25.50
H21 4WQ F 4 -10.53 -13.35 23.84
N GLN F 5 -11.90 -4.96 27.12
CA GLN F 5 -13.13 -4.44 26.52
C GLN F 5 -12.79 -3.68 25.27
N THR F 6 -13.81 -3.41 24.48
CA THR F 6 -13.61 -2.70 23.24
C THR F 6 -13.33 -1.23 23.49
N MET G 3 21.59 13.21 -26.13
CA MET G 3 20.62 13.99 -25.36
C MET G 3 21.06 14.17 -23.91
N TYR G 4 20.89 15.37 -23.39
CA TYR G 4 21.04 15.59 -21.96
C TYR G 4 19.83 14.97 -21.26
N VAL G 5 20.05 14.36 -20.10
CA VAL G 5 18.96 13.90 -19.22
C VAL G 5 19.14 14.57 -17.86
N ILE G 6 18.09 15.28 -17.44
CA ILE G 6 18.06 15.90 -16.12
C ILE G 6 17.50 14.91 -15.11
N ARG G 7 18.12 14.85 -13.93
CA ARG G 7 17.52 14.23 -12.77
C ARG G 7 16.97 15.32 -11.89
N ASP G 8 15.64 15.43 -11.80
CA ASP G 8 15.03 16.51 -11.05
C ASP G 8 14.84 16.18 -9.58
N GLU G 9 14.27 17.14 -8.86
CA GLU G 9 14.06 17.05 -7.42
C GLU G 9 13.28 15.82 -6.93
N TRP G 10 12.57 15.12 -7.81
CA TRP G 10 11.77 13.98 -7.38
C TRP G 10 12.43 12.66 -7.67
N GLY G 11 13.63 12.70 -8.22
CA GLY G 11 14.34 11.49 -8.66
C GLY G 11 14.00 11.06 -10.10
N ASN G 12 13.21 11.86 -10.80
CA ASN G 12 12.82 11.53 -12.18
C ASN G 12 13.80 11.99 -13.27
N GLN G 13 13.84 11.27 -14.40
CA GLN G 13 14.71 11.63 -15.52
C GLN G 13 13.96 12.32 -16.63
N ILE G 14 14.42 13.50 -17.02
CA ILE G 14 13.78 14.28 -18.06
C ILE G 14 14.73 14.35 -19.23
N TRP G 15 14.23 13.96 -20.41
CA TRP G 15 15.07 13.90 -21.60
C TRP G 15 14.95 15.18 -22.39
N ILE G 16 16.09 15.76 -22.73
CA ILE G 16 16.13 17.11 -23.26
C ILE G 16 16.36 17.19 -24.77
N CYS G 17 15.51 17.94 -25.47
CA CYS G 17 15.72 18.29 -26.90
C CYS G 17 17.13 18.81 -27.21
N PRO G 18 17.88 18.12 -28.08
CA PRO G 18 19.19 18.68 -28.41
C PRO G 18 19.10 19.97 -29.24
N GLY G 19 17.93 20.33 -29.72
CA GLY G 19 17.80 21.48 -30.59
C GLY G 19 17.84 22.76 -29.77
N CYS G 20 17.14 22.74 -28.65
CA CYS G 20 17.06 23.92 -27.82
C CYS G 20 17.76 23.68 -26.48
N ASN G 21 17.85 22.41 -26.09
CA ASN G 21 18.45 22.04 -24.80
C ASN G 21 17.85 22.76 -23.60
N LYS G 22 16.56 23.09 -23.64
CA LYS G 22 15.89 23.49 -22.40
C LYS G 22 14.70 22.56 -22.04
N PRO G 23 14.57 22.25 -20.75
CA PRO G 23 13.56 21.28 -20.34
C PRO G 23 12.13 21.76 -20.42
N ASP G 24 11.89 23.05 -20.41
CA ASP G 24 10.51 23.54 -20.30
C ASP G 24 9.72 23.33 -21.59
N ASP G 25 9.42 22.07 -21.90
CA ASP G 25 8.72 21.73 -23.14
C ASP G 25 7.28 22.23 -23.20
N GLY G 26 6.38 21.40 -22.67
CA GLY G 26 5.02 21.37 -23.13
C GLY G 26 5.06 20.65 -24.46
N SER G 27 5.71 21.27 -25.44
CA SER G 27 5.75 20.82 -26.83
C SER G 27 5.84 19.29 -27.08
N PRO G 28 5.18 18.83 -28.15
CA PRO G 28 5.44 17.48 -28.67
C PRO G 28 6.86 17.30 -29.23
N MET G 29 7.28 16.04 -29.19
CA MET G 29 8.58 15.59 -29.69
C MET G 29 8.47 14.56 -30.80
N ILE G 30 9.56 14.43 -31.54
CA ILE G 30 9.66 13.46 -32.62
C ILE G 30 10.99 12.75 -32.47
N GLY G 31 10.96 11.44 -32.67
CA GLY G 31 12.13 10.60 -32.54
C GLY G 31 12.85 10.30 -33.84
N CYS G 32 14.16 10.44 -33.83
CA CYS G 32 14.98 10.13 -34.98
C CYS G 32 15.07 8.63 -35.16
N ASP G 33 14.76 8.15 -36.36
CA ASP G 33 14.71 6.71 -36.58
C ASP G 33 16.11 6.12 -36.82
N ASP G 34 17.15 6.95 -36.74
CA ASP G 34 18.53 6.46 -36.71
C ASP G 34 19.13 6.45 -35.26
N CYS G 35 19.53 7.63 -34.76
CA CYS G 35 20.16 7.77 -33.43
C CYS G 35 19.17 7.72 -32.22
N ASP G 36 17.88 7.91 -32.47
CA ASP G 36 16.85 7.94 -31.43
C ASP G 36 16.96 9.08 -30.40
N ASP G 37 17.69 10.15 -30.75
CA ASP G 37 17.47 11.44 -30.11
C ASP G 37 16.05 11.91 -30.42
N TRP G 38 15.45 12.64 -29.48
CA TRP G 38 14.11 13.19 -29.63
C TRP G 38 14.18 14.70 -29.61
N TYR G 39 13.49 15.35 -30.55
CA TYR G 39 13.48 16.82 -30.65
C TYR G 39 12.10 17.37 -30.50
N HIS G 40 11.96 18.58 -29.97
CA HIS G 40 10.71 19.32 -30.14
C HIS G 40 10.40 19.54 -31.61
N TRP G 41 9.12 19.41 -31.95
CA TRP G 41 8.65 19.64 -33.30
C TRP G 41 9.06 20.99 -33.86
N PRO G 42 8.84 22.08 -33.10
CA PRO G 42 9.17 23.39 -33.67
C PRO G 42 10.68 23.62 -33.81
N CYS G 43 11.44 22.95 -32.96
CA CYS G 43 12.90 22.96 -33.05
C CYS G 43 13.44 22.27 -34.30
N VAL G 44 12.60 21.53 -35.03
CA VAL G 44 13.07 20.81 -36.22
C VAL G 44 12.17 21.16 -37.43
N GLY G 45 11.30 22.14 -37.27
CA GLY G 45 10.55 22.68 -38.40
C GLY G 45 9.25 21.95 -38.70
N ILE G 46 8.75 21.19 -37.73
CA ILE G 46 7.54 20.39 -37.94
C ILE G 46 6.38 21.04 -37.23
N MET G 47 5.24 21.07 -37.93
CA MET G 47 4.03 21.78 -37.48
C MET G 47 2.91 20.79 -37.11
N THR G 48 2.70 19.82 -38.00
CA THR G 48 1.63 18.85 -37.90
C THR G 48 2.21 17.45 -37.71
N ALA G 49 1.46 16.58 -37.04
CA ALA G 49 1.87 15.18 -36.91
C ALA G 49 2.17 14.66 -38.30
N PRO G 50 3.38 14.14 -38.51
CA PRO G 50 3.60 13.62 -39.87
C PRO G 50 2.89 12.29 -40.04
N PRO G 51 2.70 11.83 -41.27
CA PRO G 51 2.13 10.50 -41.50
C PRO G 51 2.89 9.36 -40.75
N GLU G 52 2.17 8.37 -40.24
CA GLU G 52 2.74 7.39 -39.33
C GLU G 52 3.72 6.44 -40.02
N GLU G 53 3.59 6.31 -41.33
CA GLU G 53 4.45 5.48 -42.18
C GLU G 53 5.81 6.10 -42.45
N MET G 54 5.89 7.41 -42.27
CA MET G 54 7.12 8.07 -42.65
C MET G 54 8.13 7.98 -41.53
N GLN G 55 9.39 7.99 -41.92
CA GLN G 55 10.47 7.98 -40.96
C GLN G 55 11.15 9.33 -40.93
N TRP G 56 11.31 9.88 -39.73
CA TRP G 56 11.97 11.17 -39.52
C TRP G 56 13.37 10.98 -38.99
N PHE G 57 14.27 11.91 -39.31
CA PHE G 57 15.70 11.62 -39.11
C PHE G 57 16.64 12.60 -38.38
N CYS G 58 16.22 13.81 -38.05
CA CYS G 58 17.06 14.72 -37.28
C CYS G 58 18.27 15.21 -38.10
N PRO G 59 18.61 16.51 -37.98
CA PRO G 59 19.73 17.11 -38.71
C PRO G 59 20.98 16.23 -38.76
N LYS G 60 21.48 15.79 -37.61
CA LYS G 60 22.75 15.06 -37.57
C LYS G 60 22.76 13.80 -38.43
N CYS G 61 21.61 13.15 -38.62
CA CYS G 61 21.59 11.89 -39.34
C CYS G 61 21.08 11.99 -40.80
N ALA H 1 5.62 8.87 -38.26
CA ALA H 1 6.83 8.49 -37.50
C ALA H 1 6.50 8.30 -36.03
N ARG H 2 7.53 8.26 -35.18
CA ARG H 2 7.32 8.16 -33.74
C ARG H 2 7.32 9.54 -33.16
N THR H 3 6.20 9.89 -32.55
CA THR H 3 6.04 11.18 -31.89
C THR H 3 5.56 10.91 -30.47
N 4WQ H 4 5.63 11.93 -29.63
CA 4WQ H 4 5.17 11.81 -28.28
CB 4WQ H 4 6.22 11.13 -27.49
CG 4WQ H 4 7.31 12.04 -26.90
CD 4WQ H 4 8.27 11.19 -26.07
CE 4WQ H 4 9.53 11.88 -25.72
CZ 4WQ H 4 10.45 11.12 -24.71
CM3 4WQ H 4 11.79 11.83 -24.53
CM2 4WQ H 4 9.85 11.00 -23.36
CM1 4WQ H 4 10.71 9.69 -25.23
C 4WQ H 4 4.82 13.18 -27.68
O 4WQ H 4 5.26 14.21 -28.11
H 4WQ H 4 6.01 12.84 -29.87
HA 4WQ H 4 4.24 11.18 -28.27
H5 4WQ H 4 5.76 10.54 -26.68
H6 4WQ H 4 6.70 10.35 -28.12
H7 4WQ H 4 7.86 12.59 -27.69
H8 4WQ H 4 6.86 12.83 -26.25
H9 4WQ H 4 8.48 10.26 -26.65
H10 4WQ H 4 7.77 10.81 -25.16
H11 4WQ H 4 10.10 12.10 -26.65
H12 4WQ H 4 9.31 12.87 -25.28
H13 4WQ H 4 12.52 11.24 -23.96
H14 4WQ H 4 12.29 12.07 -25.48
H15 4WQ H 4 11.69 12.79 -24.00
H16 4WQ H 4 9.85 11.96 -22.82
H17 4WQ H 4 8.82 10.66 -23.38
H18 4WQ H 4 10.40 10.31 -22.71
H19 4WQ H 4 11.24 9.67 -26.18
H20 4WQ H 4 11.31 9.10 -24.54
H21 4WQ H 4 9.78 9.12 -25.38
N GLN H 5 3.84 13.15 -26.76
CA GLN H 5 3.51 14.37 -25.97
C GLN H 5 2.83 14.00 -24.67
N THR H 6 2.67 14.99 -23.81
CA THR H 6 2.08 14.74 -22.52
C THR H 6 0.59 14.44 -22.66
ZN ZN I . -10.00 -0.53 8.97
ZN ZN J . -3.38 -11.42 14.94
ZN ZN K . 0.57 10.46 -8.36
ZN ZN L . 10.68 3.73 -15.40
ZN ZN M . -10.13 -21.05 34.96
ZN ZN N . -20.86 -14.42 28.80
ZN ZN O . 19.52 11.23 -35.42
ZN ZN P . 13.69 21.96 -28.44
#